data_3CBO
#
_entry.id   3CBO
#
_cell.length_a   101.707
_cell.length_b   38.870
_cell.length_c   66.338
_cell.angle_alpha   90.00
_cell.angle_beta   90.00
_cell.angle_gamma   90.00
#
_symmetry.space_group_name_H-M   'P 21 21 2'
#
loop_
_entity.id
_entity.type
_entity.pdbx_description
1 polymer 'Histone-lysine N-methyltransferase SETD7'
2 polymer 'Estrogen receptor'
3 non-polymer S-ADENOSYL-L-HOMOCYSTEINE
4 non-polymer BETA-MERCAPTOETHANOL
5 non-polymer GLYCEROL
6 water water
#
loop_
_entity_poly.entity_id
_entity_poly.type
_entity_poly.pdbx_seq_one_letter_code
_entity_poly.pdbx_strand_id
1 'polypeptide(L)'
;KDNIRHGVCWIYYPDGGSLVGEVNEDGEMTGEKIAYVYPDERTALYGKFIDGEMIEGKLATLMSTEEGRPHFELMPGNSV
YHFDKSTSSCISTNALLPDPYESERVYVAESLISSAGEGLFSKVAVGPNTVMSFYNGVRITHQEVDSRDWALNGNTLSLD
EETVIDVPEPYNHVSKYCASLGHKANHSFTPNCIYDMFVHPRFGPIKCIRTLRAVEADEELTVAYGYDHSPPGKSGPEAP
EWYQVELKAFQATQQK
;
A
2 'polypeptide(L)' IKRS(MLZ)KNSLA B
#
# COMPACT_ATOMS: atom_id res chain seq x y z
N HIS A 6 31.06 -14.16 2.25
CA HIS A 6 30.12 -13.87 1.12
C HIS A 6 28.80 -14.63 1.28
N GLY A 7 28.14 -14.94 0.17
CA GLY A 7 26.87 -15.64 0.26
C GLY A 7 25.70 -14.68 0.07
N VAL A 8 24.49 -15.23 -0.01
CA VAL A 8 23.29 -14.40 -0.20
C VAL A 8 22.45 -14.32 1.06
N CYS A 9 21.86 -13.16 1.28
N CYS A 9 21.84 -13.17 1.29
CA CYS A 9 21.02 -12.90 2.46
CA CYS A 9 21.01 -13.00 2.46
C CYS A 9 19.60 -12.49 2.08
C CYS A 9 19.62 -12.54 2.07
N TRP A 10 18.61 -13.07 2.75
CA TRP A 10 17.21 -12.73 2.49
C TRP A 10 16.63 -12.22 3.80
N ILE A 11 16.03 -11.03 3.75
CA ILE A 11 15.41 -10.46 4.94
C ILE A 11 13.93 -10.35 4.64
N TYR A 12 13.11 -11.15 5.33
CA TYR A 12 11.67 -11.12 5.13
C TYR A 12 10.96 -10.29 6.18
N TYR A 13 10.16 -9.33 5.72
CA TYR A 13 9.41 -8.49 6.65
C TYR A 13 8.14 -9.23 7.05
N PRO A 14 7.55 -8.88 8.20
CA PRO A 14 6.34 -9.53 8.66
C PRO A 14 5.22 -9.50 7.62
N ASP A 15 5.21 -8.46 6.77
CA ASP A 15 4.17 -8.35 5.75
C ASP A 15 4.33 -9.29 4.55
N GLY A 16 5.45 -9.99 4.47
CA GLY A 16 5.67 -10.91 3.36
C GLY A 16 6.70 -10.46 2.34
N GLY A 17 6.96 -9.15 2.28
CA GLY A 17 7.94 -8.60 1.35
C GLY A 17 9.33 -8.96 1.83
N SER A 18 10.34 -8.74 1.00
CA SER A 18 11.70 -9.07 1.41
C SER A 18 12.79 -8.34 0.64
N LEU A 19 13.98 -8.32 1.22
CA LEU A 19 15.16 -7.71 0.60
C LEU A 19 16.12 -8.87 0.40
N VAL A 20 16.76 -8.92 -0.76
CA VAL A 20 17.70 -10.00 -1.02
C VAL A 20 18.94 -9.47 -1.73
N GLY A 21 20.09 -10.00 -1.34
CA GLY A 21 21.32 -9.55 -1.96
C GLY A 21 22.53 -9.98 -1.14
N GLU A 22 23.72 -9.65 -1.65
CA GLU A 22 24.97 -9.97 -0.98
C GLU A 22 25.40 -8.75 -0.19
N VAL A 23 25.64 -8.93 1.10
CA VAL A 23 26.07 -7.82 1.95
C VAL A 23 27.54 -7.48 1.66
N ASN A 24 27.88 -6.19 1.80
CA ASN A 24 29.25 -5.75 1.55
C ASN A 24 30.16 -6.14 2.71
N GLU A 25 31.40 -5.68 2.67
CA GLU A 25 32.36 -5.99 3.71
C GLU A 25 31.84 -5.58 5.09
N ASP A 26 30.94 -4.60 5.11
CA ASP A 26 30.37 -4.12 6.36
C ASP A 26 29.11 -4.89 6.73
N GLY A 27 28.71 -5.82 5.85
CA GLY A 27 27.53 -6.62 6.11
C GLY A 27 26.23 -5.86 5.89
N GLU A 28 26.25 -4.95 4.92
CA GLU A 28 25.07 -4.15 4.61
C GLU A 28 24.63 -4.42 3.16
N MET A 29 23.32 -4.41 2.94
CA MET A 29 22.78 -4.65 1.61
C MET A 29 23.02 -3.43 0.73
N THR A 30 24.24 -3.36 0.18
CA THR A 30 24.63 -2.25 -0.67
C THR A 30 25.23 -2.80 -1.97
N GLY A 31 24.80 -2.25 -3.09
CA GLY A 31 25.31 -2.70 -4.37
C GLY A 31 24.35 -2.39 -5.50
N GLU A 32 24.71 -2.82 -6.71
CA GLU A 32 23.89 -2.58 -7.89
C GLU A 32 22.99 -3.77 -8.22
N LYS A 33 23.10 -4.85 -7.45
CA LYS A 33 22.29 -6.03 -7.71
C LYS A 33 21.49 -6.49 -6.51
N ILE A 34 20.95 -5.53 -5.78
CA ILE A 34 20.12 -5.81 -4.60
C ILE A 34 18.68 -5.76 -5.08
N ALA A 35 17.78 -6.43 -4.38
CA ALA A 35 16.39 -6.40 -4.80
C ALA A 35 15.38 -6.48 -3.68
N TYR A 36 14.25 -5.80 -3.88
CA TYR A 36 13.16 -5.88 -2.93
C TYR A 36 12.18 -6.77 -3.68
N VAL A 37 11.67 -7.80 -3.01
CA VAL A 37 10.69 -8.68 -3.63
C VAL A 37 9.36 -8.53 -2.90
N TYR A 38 8.30 -8.27 -3.66
CA TYR A 38 6.98 -8.09 -3.08
C TYR A 38 6.44 -9.39 -2.48
N PRO A 39 5.34 -9.31 -1.72
CA PRO A 39 4.72 -10.48 -1.07
C PRO A 39 4.34 -11.63 -1.98
N ASP A 40 4.26 -11.40 -3.29
CA ASP A 40 3.90 -12.48 -4.21
C ASP A 40 5.11 -13.33 -4.57
N GLU A 41 6.27 -12.94 -4.05
CA GLU A 41 7.52 -13.65 -4.30
C GLU A 41 7.80 -13.79 -5.78
N ARG A 42 7.30 -12.83 -6.57
CA ARG A 42 7.49 -12.84 -8.02
C ARG A 42 7.84 -11.45 -8.55
N THR A 43 7.09 -10.43 -8.10
CA THR A 43 7.33 -9.05 -8.53
C THR A 43 8.48 -8.47 -7.71
N ALA A 44 9.41 -7.82 -8.40
CA ALA A 44 10.56 -7.26 -7.70
C ALA A 44 11.10 -5.94 -8.26
N LEU A 45 11.86 -5.25 -7.43
CA LEU A 45 12.49 -3.99 -7.81
C LEU A 45 13.97 -4.31 -7.63
N TYR A 46 14.65 -4.48 -8.76
CA TYR A 46 16.05 -4.87 -8.83
C TYR A 46 16.98 -3.72 -9.22
N GLY A 47 18.05 -3.53 -8.45
CA GLY A 47 18.97 -2.46 -8.79
C GLY A 47 19.86 -1.97 -7.67
N LYS A 48 20.09 -0.66 -7.66
CA LYS A 48 20.96 -0.05 -6.66
C LYS A 48 20.28 0.26 -5.33
N PHE A 49 20.87 -0.27 -4.26
CA PHE A 49 20.39 -0.07 -2.90
C PHE A 49 21.61 0.24 -2.04
N ILE A 50 21.41 1.05 -1.01
CA ILE A 50 22.50 1.36 -0.09
C ILE A 50 21.95 1.08 1.31
N ASP A 51 22.54 0.09 1.97
CA ASP A 51 22.11 -0.31 3.31
C ASP A 51 20.63 -0.65 3.33
N GLY A 52 20.17 -1.33 2.29
CA GLY A 52 18.78 -1.74 2.21
C GLY A 52 17.82 -0.68 1.70
N GLU A 53 18.31 0.53 1.47
CA GLU A 53 17.45 1.60 0.96
C GLU A 53 17.55 1.68 -0.56
N MET A 54 16.41 1.66 -1.23
CA MET A 54 16.37 1.70 -2.69
C MET A 54 16.78 3.03 -3.29
N ILE A 55 17.83 2.98 -4.12
CA ILE A 55 18.34 4.18 -4.79
C ILE A 55 17.81 4.23 -6.22
N GLU A 56 17.88 3.10 -6.90
CA GLU A 56 17.40 3.01 -8.27
C GLU A 56 17.01 1.56 -8.56
N GLY A 57 15.72 1.27 -8.42
CA GLY A 57 15.24 -0.08 -8.65
C GLY A 57 14.43 -0.17 -9.92
N LYS A 58 14.61 -1.25 -10.66
CA LYS A 58 13.88 -1.45 -11.90
C LYS A 58 12.94 -2.63 -11.74
N LEU A 59 11.76 -2.54 -12.34
CA LEU A 59 10.79 -3.62 -12.25
C LEU A 59 11.36 -4.89 -12.86
N ALA A 60 11.23 -5.99 -12.14
CA ALA A 60 11.74 -7.27 -12.60
C ALA A 60 10.86 -8.40 -12.10
N THR A 61 11.11 -9.60 -12.62
CA THR A 61 10.36 -10.78 -12.22
C THR A 61 11.34 -11.79 -11.63
N LEU A 62 11.04 -12.28 -10.43
CA LEU A 62 11.89 -13.30 -9.81
C LEU A 62 11.50 -14.60 -10.49
N MET A 63 12.38 -15.08 -11.37
CA MET A 63 12.13 -16.29 -12.14
C MET A 63 12.25 -17.56 -11.30
N SER A 64 13.33 -17.64 -10.52
CA SER A 64 13.56 -18.80 -9.68
C SER A 64 14.69 -18.52 -8.71
N THR A 65 14.87 -19.44 -7.76
CA THR A 65 15.93 -19.32 -6.77
C THR A 65 16.65 -20.65 -6.66
N GLU A 66 17.98 -20.60 -6.77
CA GLU A 66 18.80 -21.79 -6.68
C GLU A 66 19.70 -21.72 -5.46
N GLU A 67 19.36 -22.50 -4.43
CA GLU A 67 20.13 -22.52 -3.20
C GLU A 67 20.25 -21.09 -2.64
N GLY A 68 19.14 -20.38 -2.61
CA GLY A 68 19.14 -19.03 -2.10
C GLY A 68 19.48 -17.95 -3.10
N ARG A 69 20.04 -18.35 -4.24
CA ARG A 69 20.42 -17.39 -5.28
C ARG A 69 19.25 -17.07 -6.20
N PRO A 70 18.81 -15.81 -6.20
CA PRO A 70 17.68 -15.43 -7.07
C PRO A 70 18.08 -15.09 -8.49
N HIS A 71 17.20 -15.44 -9.43
CA HIS A 71 17.43 -15.12 -10.84
C HIS A 71 16.33 -14.18 -11.25
N PHE A 72 16.69 -12.95 -11.61
CA PHE A 72 15.71 -11.96 -12.04
C PHE A 72 15.79 -11.67 -13.53
N GLU A 73 14.66 -11.30 -14.10
CA GLU A 73 14.61 -10.91 -15.50
C GLU A 73 13.90 -9.56 -15.51
N LEU A 74 14.58 -8.56 -16.05
CA LEU A 74 14.03 -7.21 -16.09
C LEU A 74 12.83 -7.06 -17.01
N MET A 75 11.88 -6.25 -16.56
CA MET A 75 10.68 -5.99 -17.35
C MET A 75 10.98 -4.87 -18.34
N PRO A 76 10.45 -4.97 -19.57
CA PRO A 76 10.70 -3.92 -20.57
C PRO A 76 10.26 -2.55 -20.04
N GLY A 77 11.04 -1.52 -20.36
CA GLY A 77 10.69 -0.18 -19.90
C GLY A 77 11.87 0.55 -19.29
N ASN A 78 11.65 1.83 -18.95
CA ASN A 78 12.70 2.64 -18.36
C ASN A 78 12.25 3.31 -17.06
N SER A 79 11.20 2.77 -16.45
CA SER A 79 10.68 3.32 -15.21
C SER A 79 11.53 2.84 -14.03
N VAL A 80 12.14 3.79 -13.34
CA VAL A 80 12.98 3.46 -12.18
C VAL A 80 12.28 3.93 -10.91
N TYR A 81 12.52 3.23 -9.80
CA TYR A 81 11.91 3.59 -8.53
C TYR A 81 12.97 3.81 -7.46
N HIS A 82 12.63 4.65 -6.47
CA HIS A 82 13.55 4.90 -5.38
C HIS A 82 12.81 5.21 -4.08
N PHE A 83 13.52 5.09 -2.96
CA PHE A 83 12.95 5.40 -1.65
C PHE A 83 12.41 6.82 -1.78
N ASP A 84 11.18 7.03 -1.35
CA ASP A 84 10.56 8.33 -1.52
C ASP A 84 9.56 8.62 -0.42
N LYS A 85 9.93 8.33 0.83
CA LYS A 85 9.04 8.54 1.97
C LYS A 85 8.46 9.95 2.01
N SER A 86 7.15 10.02 2.22
CA SER A 86 6.44 11.28 2.27
C SER A 86 6.76 12.10 3.52
N THR A 87 6.36 13.37 3.48
CA THR A 87 6.53 14.27 4.62
C THR A 87 5.13 14.82 4.88
N SER A 88 5.04 15.89 5.66
N SER A 88 5.04 15.89 5.66
CA SER A 88 3.75 16.49 5.96
CA SER A 88 3.74 16.48 5.95
C SER A 88 3.21 17.27 4.77
C SER A 88 3.21 17.26 4.76
N SER A 89 4.10 17.69 3.87
CA SER A 89 3.71 18.46 2.70
C SER A 89 3.95 17.80 1.35
N CYS A 90 4.75 16.75 1.32
CA CYS A 90 5.03 16.07 0.07
C CYS A 90 4.51 14.65 0.12
N ILE A 91 3.64 14.30 -0.83
CA ILE A 91 3.08 12.97 -0.85
C ILE A 91 3.91 12.02 -1.72
N SER A 92 4.55 12.57 -2.75
CA SER A 92 5.37 11.78 -3.64
C SER A 92 6.16 12.65 -4.61
N THR A 93 7.32 12.17 -5.04
CA THR A 93 8.14 12.90 -6.00
C THR A 93 7.55 12.69 -7.40
N ASN A 94 6.81 11.60 -7.57
CA ASN A 94 6.17 11.30 -8.86
C ASN A 94 4.80 10.70 -8.56
N ALA A 95 3.85 11.58 -8.28
CA ALA A 95 2.49 11.19 -7.93
C ALA A 95 1.77 10.39 -9.01
N LEU A 96 2.23 10.50 -10.25
CA LEU A 96 1.60 9.80 -11.35
C LEU A 96 2.27 8.50 -11.76
N LEU A 97 3.26 8.06 -10.99
CA LEU A 97 3.96 6.81 -11.29
C LEU A 97 3.32 5.76 -10.38
N PRO A 98 2.53 4.85 -10.93
CA PRO A 98 1.89 3.84 -10.09
C PRO A 98 2.82 2.77 -9.54
N ASP A 99 2.34 2.05 -8.53
CA ASP A 99 3.11 0.96 -7.96
C ASP A 99 2.76 -0.24 -8.84
N PRO A 100 3.78 -0.92 -9.39
CA PRO A 100 3.58 -2.08 -10.27
C PRO A 100 2.81 -3.26 -9.68
N TYR A 101 3.08 -3.59 -8.43
CA TYR A 101 2.44 -4.70 -7.74
C TYR A 101 0.95 -4.39 -7.58
N GLU A 102 0.65 -3.18 -7.12
CA GLU A 102 -0.72 -2.75 -6.92
C GLU A 102 -1.48 -2.64 -8.24
N SER A 103 -0.82 -2.11 -9.26
N SER A 103 -0.82 -2.10 -9.27
CA SER A 103 -1.43 -1.93 -10.58
CA SER A 103 -1.45 -1.93 -10.57
C SER A 103 -1.95 -3.23 -11.18
C SER A 103 -1.96 -3.23 -11.19
N GLU A 104 -1.31 -4.34 -10.85
CA GLU A 104 -1.72 -5.64 -11.39
C GLU A 104 -2.81 -6.30 -10.55
N ARG A 105 -3.15 -5.70 -9.41
CA ARG A 105 -4.15 -6.30 -8.53
C ARG A 105 -5.42 -5.52 -8.28
N VAL A 106 -5.39 -4.21 -8.44
CA VAL A 106 -6.59 -3.42 -8.18
C VAL A 106 -6.78 -2.29 -9.18
N TYR A 107 -8.03 -1.81 -9.27
CA TYR A 107 -8.37 -0.70 -10.14
C TYR A 107 -9.49 0.10 -9.50
N VAL A 108 -9.62 1.36 -9.91
CA VAL A 108 -10.66 2.24 -9.38
C VAL A 108 -11.80 2.34 -10.38
N ALA A 109 -13.02 2.33 -9.87
CA ALA A 109 -14.22 2.44 -10.70
C ALA A 109 -15.37 2.91 -9.82
N GLU A 110 -16.54 3.12 -10.40
CA GLU A 110 -17.67 3.55 -9.61
C GLU A 110 -18.00 2.44 -8.61
N SER A 111 -18.21 2.82 -7.36
CA SER A 111 -18.53 1.85 -6.31
C SER A 111 -19.90 1.22 -6.51
N LEU A 112 -20.08 0.02 -5.93
CA LEU A 112 -21.35 -0.68 -6.02
C LEU A 112 -22.21 -0.21 -4.84
N ILE A 113 -21.57 0.51 -3.92
CA ILE A 113 -22.26 1.05 -2.75
C ILE A 113 -22.91 2.37 -3.15
N SER A 114 -24.24 2.41 -3.06
CA SER A 114 -25.00 3.59 -3.43
C SER A 114 -24.47 4.90 -2.85
N SER A 115 -24.21 5.86 -3.74
CA SER A 115 -23.72 7.18 -3.35
C SER A 115 -22.36 7.21 -2.65
N ALA A 116 -21.58 6.14 -2.80
CA ALA A 116 -20.27 6.10 -2.16
C ALA A 116 -19.17 6.76 -3.00
N GLY A 117 -19.48 7.00 -4.27
CA GLY A 117 -18.50 7.62 -5.16
C GLY A 117 -17.69 6.54 -5.85
N GLU A 118 -16.37 6.68 -5.85
CA GLU A 118 -15.54 5.66 -6.49
C GLU A 118 -15.21 4.59 -5.47
N GLY A 119 -14.75 3.44 -5.96
CA GLY A 119 -14.39 2.35 -5.09
C GLY A 119 -13.16 1.64 -5.63
N LEU A 120 -12.62 0.72 -4.85
CA LEU A 120 -11.43 -0.03 -5.25
C LEU A 120 -11.87 -1.46 -5.54
N PHE A 121 -11.47 -1.98 -6.70
CA PHE A 121 -11.85 -3.33 -7.12
C PHE A 121 -10.67 -4.22 -7.43
N SER A 122 -10.83 -5.53 -7.22
CA SER A 122 -9.77 -6.48 -7.51
C SER A 122 -9.74 -6.81 -9.00
N LYS A 123 -8.55 -7.05 -9.52
CA LYS A 123 -8.40 -7.42 -10.91
C LYS A 123 -8.29 -8.94 -11.04
N VAL A 124 -8.05 -9.61 -9.92
CA VAL A 124 -7.84 -11.05 -9.94
C VAL A 124 -8.45 -11.79 -8.76
N ALA A 125 -8.63 -13.10 -8.92
CA ALA A 125 -9.14 -13.92 -7.84
C ALA A 125 -7.94 -14.27 -6.97
N VAL A 126 -8.05 -13.99 -5.68
CA VAL A 126 -6.97 -14.28 -4.74
C VAL A 126 -7.53 -14.93 -3.49
N GLY A 127 -6.64 -15.57 -2.73
CA GLY A 127 -7.06 -16.23 -1.50
C GLY A 127 -6.93 -15.30 -0.31
N PRO A 128 -7.18 -15.81 0.90
CA PRO A 128 -7.09 -15.00 2.12
C PRO A 128 -5.67 -14.49 2.38
N ASN A 129 -5.58 -13.41 3.14
N ASN A 129 -5.57 -13.41 3.15
CA ASN A 129 -4.31 -12.80 3.53
CA ASN A 129 -4.28 -12.84 3.53
C ASN A 129 -3.45 -12.26 2.40
C ASN A 129 -3.43 -12.32 2.37
N THR A 130 -4.08 -11.84 1.31
CA THR A 130 -3.33 -11.32 0.16
C THR A 130 -3.23 -9.79 0.18
N VAL A 131 -2.00 -9.28 0.08
CA VAL A 131 -1.81 -7.82 0.04
C VAL A 131 -2.26 -7.38 -1.34
N MET A 132 -3.16 -6.39 -1.38
CA MET A 132 -3.72 -5.94 -2.65
C MET A 132 -3.40 -4.49 -3.04
N SER A 133 -3.33 -3.61 -2.04
CA SER A 133 -3.12 -2.21 -2.32
C SER A 133 -2.31 -1.55 -1.20
N PHE A 134 -1.77 -0.37 -1.49
CA PHE A 134 -0.99 0.36 -0.50
C PHE A 134 -1.65 1.66 -0.14
N TYR A 135 -1.53 2.04 1.14
CA TYR A 135 -2.11 3.26 1.63
C TYR A 135 -1.01 4.24 2.01
N ASN A 136 -0.50 4.95 1.03
CA ASN A 136 0.52 5.96 1.27
C ASN A 136 -0.21 7.30 1.34
N GLY A 137 0.47 8.31 1.88
CA GLY A 137 -0.11 9.63 1.98
C GLY A 137 0.86 10.51 2.72
N VAL A 138 0.50 11.78 2.95
CA VAL A 138 1.38 12.67 3.70
C VAL A 138 1.27 12.25 5.15
N ARG A 139 2.26 12.62 5.96
CA ARG A 139 2.29 12.26 7.37
C ARG A 139 2.06 13.47 8.26
N ILE A 140 0.99 13.41 9.05
CA ILE A 140 0.65 14.49 9.97
C ILE A 140 0.30 13.94 11.35
N THR A 141 0.17 14.83 12.32
CA THR A 141 -0.13 14.43 13.68
C THR A 141 -1.62 14.21 13.96
N HIS A 142 -1.89 13.44 15.01
CA HIS A 142 -3.25 13.16 15.42
C HIS A 142 -3.89 14.46 15.91
N GLN A 143 -3.10 15.33 16.52
CA GLN A 143 -3.62 16.60 17.01
C GLN A 143 -4.17 17.44 15.85
N GLU A 144 -3.41 17.49 14.75
CA GLU A 144 -3.85 18.27 13.59
C GLU A 144 -5.14 17.70 13.01
N VAL A 145 -5.21 16.38 12.90
CA VAL A 145 -6.39 15.71 12.35
C VAL A 145 -7.63 15.81 13.23
N ASP A 146 -7.49 15.45 14.50
CA ASP A 146 -8.62 15.46 15.42
C ASP A 146 -9.11 16.87 15.76
N SER A 147 -8.34 17.89 15.39
CA SER A 147 -8.73 19.26 15.68
C SER A 147 -9.41 19.96 14.51
N ARG A 148 -9.55 19.26 13.38
CA ARG A 148 -10.20 19.86 12.22
C ARG A 148 -11.52 19.17 11.86
N ASP A 149 -12.30 19.81 11.00
CA ASP A 149 -13.60 19.29 10.57
C ASP A 149 -13.50 17.97 9.81
N TRP A 150 -14.49 17.10 10.03
CA TRP A 150 -14.55 15.79 9.37
C TRP A 150 -14.50 15.90 7.85
N ALA A 151 -14.95 17.03 7.32
CA ALA A 151 -14.96 17.24 5.89
C ALA A 151 -13.56 17.13 5.31
N LEU A 152 -12.56 17.31 6.18
CA LEU A 152 -11.16 17.23 5.76
C LEU A 152 -10.50 15.91 6.16
N ASN A 153 -11.24 15.05 6.83
CA ASN A 153 -10.69 13.79 7.29
C ASN A 153 -11.29 12.54 6.64
N GLY A 154 -11.68 12.66 5.38
CA GLY A 154 -12.26 11.52 4.69
C GLY A 154 -11.24 10.46 4.38
N ASN A 155 -9.98 10.85 4.20
CA ASN A 155 -8.92 9.90 3.87
C ASN A 155 -7.85 9.69 4.95
N THR A 156 -8.07 10.20 6.14
CA THR A 156 -7.10 10.02 7.21
C THR A 156 -7.11 8.59 7.75
N LEU A 157 -5.91 8.04 7.95
CA LEU A 157 -5.74 6.69 8.47
C LEU A 157 -4.59 6.69 9.47
N SER A 158 -4.86 6.24 10.69
N SER A 158 -4.87 6.23 10.68
CA SER A 158 -3.84 6.19 11.72
CA SER A 158 -3.84 6.18 11.72
C SER A 158 -2.79 5.13 11.38
C SER A 158 -2.79 5.13 11.38
N LEU A 159 -1.52 5.53 11.39
CA LEU A 159 -0.42 4.61 11.10
C LEU A 159 0.02 4.02 12.43
N ASP A 160 0.12 4.87 13.43
CA ASP A 160 0.51 4.48 14.78
C ASP A 160 0.06 5.57 15.74
N GLU A 161 0.58 5.54 16.97
CA GLU A 161 0.19 6.53 17.97
C GLU A 161 0.74 7.93 17.69
N GLU A 162 1.71 8.02 16.79
CA GLU A 162 2.33 9.29 16.48
C GLU A 162 2.03 9.85 15.10
N THR A 163 1.65 9.00 14.17
CA THR A 163 1.43 9.45 12.80
C THR A 163 0.10 9.08 12.16
N VAL A 164 -0.45 10.03 11.41
CA VAL A 164 -1.68 9.83 10.65
C VAL A 164 -1.32 10.00 9.18
N ILE A 165 -1.78 9.08 8.35
CA ILE A 165 -1.52 9.15 6.91
C ILE A 165 -2.74 9.79 6.27
N ASP A 166 -2.53 10.75 5.37
CA ASP A 166 -3.65 11.41 4.71
C ASP A 166 -3.42 11.59 3.22
N VAL A 167 -4.52 11.61 2.46
CA VAL A 167 -4.47 11.85 1.02
C VAL A 167 -5.41 13.03 0.84
N PRO A 168 -4.89 14.24 1.07
CA PRO A 168 -5.65 15.50 0.95
C PRO A 168 -5.91 15.93 -0.48
N GLU A 169 -6.87 16.84 -0.64
CA GLU A 169 -7.17 17.36 -1.96
C GLU A 169 -5.91 18.04 -2.47
N PRO A 170 -5.66 17.98 -3.78
CA PRO A 170 -6.48 17.32 -4.80
C PRO A 170 -5.99 15.90 -5.09
N TYR A 171 -5.13 15.38 -4.22
CA TYR A 171 -4.59 14.04 -4.42
C TYR A 171 -5.60 12.91 -4.28
N ASN A 172 -6.81 13.22 -3.81
CA ASN A 172 -7.84 12.19 -3.68
C ASN A 172 -8.44 11.87 -5.05
N HIS A 173 -7.95 12.57 -6.08
CA HIS A 173 -8.41 12.35 -7.44
C HIS A 173 -7.33 11.52 -8.14
N VAL A 174 -7.75 10.43 -8.79
CA VAL A 174 -6.80 9.55 -9.46
C VAL A 174 -5.99 10.26 -10.55
N SER A 175 -6.59 11.26 -11.18
CA SER A 175 -5.91 12.00 -12.23
C SER A 175 -4.76 12.84 -11.67
N LYS A 176 -4.76 13.06 -10.36
CA LYS A 176 -3.73 13.84 -9.69
C LYS A 176 -2.75 12.99 -8.89
N TYR A 177 -3.19 11.79 -8.50
CA TYR A 177 -2.33 10.91 -7.72
C TYR A 177 -2.74 9.44 -7.86
N CYS A 178 -1.81 8.61 -8.31
CA CYS A 178 -2.10 7.19 -8.45
C CYS A 178 -0.92 6.34 -8.02
N ALA A 179 0.02 6.93 -7.28
CA ALA A 179 1.18 6.19 -6.82
C ALA A 179 0.72 5.04 -5.92
N SER A 180 -0.39 5.27 -5.21
CA SER A 180 -0.97 4.24 -4.35
C SER A 180 -2.48 4.48 -4.42
N LEU A 181 -3.27 3.45 -4.13
CA LEU A 181 -4.71 3.57 -4.25
C LEU A 181 -5.53 3.12 -3.04
N GLY A 182 -4.85 2.80 -1.94
CA GLY A 182 -5.54 2.33 -0.75
C GLY A 182 -6.67 3.19 -0.21
N HIS A 183 -6.56 4.50 -0.42
CA HIS A 183 -7.56 5.44 0.06
C HIS A 183 -8.87 5.35 -0.72
N LYS A 184 -8.89 4.58 -1.79
CA LYS A 184 -10.11 4.44 -2.59
C LYS A 184 -11.04 3.31 -2.14
N ALA A 185 -10.58 2.49 -1.19
CA ALA A 185 -11.43 1.40 -0.69
C ALA A 185 -12.47 1.97 0.26
N ASN A 186 -13.74 1.65 0.00
CA ASN A 186 -14.83 2.12 0.83
C ASN A 186 -15.03 1.29 2.07
N HIS A 187 -15.89 1.79 2.96
CA HIS A 187 -16.22 1.13 4.22
C HIS A 187 -17.34 0.12 4.10
N SER A 188 -17.29 -0.89 4.96
CA SER A 188 -18.32 -1.91 5.04
C SER A 188 -18.24 -2.54 6.42
N PHE A 189 -19.40 -2.88 6.98
CA PHE A 189 -19.42 -3.52 8.29
C PHE A 189 -19.22 -5.02 8.12
N THR A 190 -19.15 -5.45 6.86
CA THR A 190 -18.89 -6.85 6.51
C THR A 190 -17.79 -6.77 5.44
N PRO A 191 -16.62 -6.23 5.82
CA PRO A 191 -15.47 -6.07 4.93
C PRO A 191 -14.78 -7.35 4.49
N ASN A 192 -14.15 -7.30 3.31
CA ASN A 192 -13.40 -8.45 2.85
C ASN A 192 -11.90 -8.21 3.02
N CYS A 193 -11.55 -7.02 3.53
CA CYS A 193 -10.14 -6.65 3.76
C CYS A 193 -9.93 -5.91 5.07
N ILE A 194 -8.66 -5.76 5.44
CA ILE A 194 -8.27 -5.01 6.63
C ILE A 194 -7.07 -4.16 6.26
N TYR A 195 -6.79 -3.14 7.06
CA TYR A 195 -5.61 -2.30 6.88
C TYR A 195 -4.55 -3.04 7.69
N ASP A 196 -3.35 -3.17 7.16
CA ASP A 196 -2.28 -3.88 7.85
C ASP A 196 -0.95 -3.14 7.67
N MET A 197 -0.01 -3.36 8.58
CA MET A 197 1.28 -2.68 8.48
C MET A 197 2.04 -3.17 7.26
N PHE A 198 2.84 -2.28 6.67
CA PHE A 198 3.63 -2.65 5.50
C PHE A 198 4.89 -1.78 5.40
N VAL A 199 6.01 -2.41 5.08
CA VAL A 199 7.28 -1.71 4.93
C VAL A 199 7.53 -1.70 3.42
N HIS A 200 7.30 -0.56 2.79
CA HIS A 200 7.43 -0.42 1.34
C HIS A 200 8.77 0.17 0.91
N PRO A 201 9.39 -0.39 -0.14
CA PRO A 201 10.69 0.12 -0.62
C PRO A 201 10.67 1.56 -1.10
N ARG A 202 9.51 2.01 -1.56
CA ARG A 202 9.35 3.37 -2.06
C ARG A 202 8.70 4.29 -1.02
N PHE A 203 7.58 3.84 -0.47
CA PHE A 203 6.84 4.63 0.51
C PHE A 203 7.31 4.56 1.95
N GLY A 204 8.13 3.56 2.26
CA GLY A 204 8.60 3.41 3.63
C GLY A 204 7.50 2.78 4.48
N PRO A 205 7.47 3.07 5.78
CA PRO A 205 6.46 2.52 6.70
C PRO A 205 5.08 3.11 6.42
N ILE A 206 4.16 2.27 5.98
CA ILE A 206 2.78 2.70 5.69
C ILE A 206 1.85 1.56 6.05
N LYS A 207 0.64 1.60 5.51
CA LYS A 207 -0.30 0.52 5.74
C LYS A 207 -0.72 0.02 4.37
N CYS A 208 -1.22 -1.21 4.33
CA CYS A 208 -1.66 -1.80 3.07
C CYS A 208 -3.06 -2.33 3.27
N ILE A 209 -3.68 -2.79 2.19
CA ILE A 209 -4.99 -3.40 2.25
C ILE A 209 -4.72 -4.87 2.01
N ARG A 210 -5.11 -5.71 2.96
CA ARG A 210 -4.88 -7.15 2.87
C ARG A 210 -6.22 -7.86 2.94
N THR A 211 -6.42 -8.89 2.12
CA THR A 211 -7.71 -9.58 2.14
C THR A 211 -7.84 -10.45 3.39
N LEU A 212 -9.07 -10.58 3.86
CA LEU A 212 -9.37 -11.41 5.04
C LEU A 212 -9.72 -12.82 4.58
N ARG A 213 -10.13 -12.92 3.32
CA ARG A 213 -10.55 -14.19 2.76
C ARG A 213 -10.44 -14.16 1.25
N ALA A 214 -11.02 -15.16 0.58
CA ALA A 214 -10.99 -15.21 -0.87
C ALA A 214 -11.76 -14.04 -1.45
N VAL A 215 -11.23 -13.45 -2.52
CA VAL A 215 -11.86 -12.35 -3.22
C VAL A 215 -11.78 -12.71 -4.70
N GLU A 216 -12.85 -12.42 -5.43
CA GLU A 216 -12.90 -12.74 -6.85
C GLU A 216 -12.50 -11.55 -7.71
N ALA A 217 -12.22 -11.83 -8.98
CA ALA A 217 -11.88 -10.77 -9.90
C ALA A 217 -13.10 -9.85 -9.99
N ASP A 218 -12.82 -8.54 -9.99
CA ASP A 218 -13.85 -7.52 -10.08
C ASP A 218 -14.76 -7.36 -8.87
N GLU A 219 -14.36 -7.97 -7.75
CA GLU A 219 -15.11 -7.84 -6.52
C GLU A 219 -14.63 -6.54 -5.87
N GLU A 220 -15.55 -5.75 -5.31
CA GLU A 220 -15.13 -4.50 -4.67
C GLU A 220 -14.46 -4.81 -3.34
N LEU A 221 -13.35 -4.13 -3.08
CA LEU A 221 -12.61 -4.32 -1.84
C LEU A 221 -13.12 -3.32 -0.81
N THR A 222 -13.44 -3.82 0.37
CA THR A 222 -13.93 -2.96 1.44
C THR A 222 -13.20 -3.24 2.74
N VAL A 223 -13.15 -2.23 3.60
N VAL A 223 -13.13 -2.22 3.59
CA VAL A 223 -12.49 -2.34 4.89
CA VAL A 223 -12.46 -2.32 4.89
C VAL A 223 -13.37 -1.65 5.93
C VAL A 223 -13.33 -1.62 5.93
N ALA A 224 -13.26 -2.09 7.18
CA ALA A 224 -14.04 -1.48 8.25
C ALA A 224 -13.24 -0.26 8.70
N TYR A 225 -13.80 0.93 8.56
CA TYR A 225 -13.09 2.15 8.95
C TYR A 225 -12.76 2.24 10.44
N GLY A 226 -13.55 1.53 11.26
CA GLY A 226 -13.31 1.50 12.69
C GLY A 226 -13.54 2.78 13.48
N TYR A 227 -14.39 3.67 12.97
CA TYR A 227 -14.67 4.91 13.68
C TYR A 227 -15.37 4.63 15.01
N GLU A 238 -18.28 8.80 17.31
CA GLU A 238 -17.82 9.98 16.59
C GLU A 238 -17.37 9.61 15.19
N ALA A 239 -18.15 10.00 14.19
CA ALA A 239 -17.83 9.70 12.80
C ALA A 239 -18.73 10.49 11.86
N PRO A 240 -18.40 10.50 10.55
CA PRO A 240 -19.20 11.23 9.57
C PRO A 240 -20.67 10.78 9.60
N GLU A 241 -21.54 11.63 9.07
CA GLU A 241 -22.97 11.34 9.03
C GLU A 241 -23.26 10.05 8.26
N TRP A 242 -22.73 9.94 7.04
CA TRP A 242 -22.97 8.76 6.22
C TRP A 242 -22.63 7.48 6.97
N TYR A 243 -21.63 7.55 7.85
CA TYR A 243 -21.20 6.39 8.63
C TYR A 243 -22.25 6.05 9.68
N GLN A 244 -22.65 7.06 10.45
CA GLN A 244 -23.66 6.89 11.50
C GLN A 244 -24.95 6.32 10.91
N VAL A 245 -25.30 6.77 9.72
CA VAL A 245 -26.51 6.31 9.05
C VAL A 245 -26.37 4.83 8.69
N GLU A 246 -25.23 4.49 8.09
CA GLU A 246 -24.96 3.11 7.71
C GLU A 246 -24.93 2.20 8.93
N LEU A 247 -24.36 2.71 10.02
CA LEU A 247 -24.27 1.94 11.25
C LEU A 247 -25.66 1.55 11.76
N LYS A 248 -26.58 2.51 11.74
CA LYS A 248 -27.94 2.27 12.19
C LYS A 248 -28.63 1.29 11.23
N ALA A 249 -28.36 1.45 9.94
CA ALA A 249 -28.95 0.57 8.93
C ALA A 249 -28.38 -0.83 9.05
N PHE A 250 -27.17 -0.94 9.60
CA PHE A 250 -26.52 -2.23 9.78
C PHE A 250 -27.06 -2.93 11.02
N GLN A 251 -27.06 -2.22 12.15
CA GLN A 251 -27.55 -2.79 13.40
C GLN A 251 -28.95 -3.37 13.17
N ALA A 252 -29.59 -2.90 12.10
CA ALA A 252 -30.91 -3.37 11.72
C ALA A 252 -30.74 -4.23 10.46
N THR A 253 -31.64 -5.17 10.26
CA THR A 253 -31.58 -6.05 9.10
C THR A 253 -30.29 -6.88 9.13
N GLN A 254 -29.70 -6.99 10.31
CA GLN A 254 -28.47 -7.76 10.48
C GLN A 254 -28.78 -9.16 11.01
N LYS B 2 -8.80 10.39 16.73
CA LYS B 2 -10.18 9.94 16.84
C LYS B 2 -10.95 10.19 15.54
N ARG B 3 -10.42 11.08 14.70
CA ARG B 3 -11.07 11.39 13.43
C ARG B 3 -10.26 10.81 12.28
N SER B 4 -9.84 9.57 12.45
CA SER B 4 -9.08 8.85 11.44
C SER B 4 -9.43 7.38 11.53
N LYS B 6 -9.13 3.45 12.00
CA LYS B 6 -8.35 2.66 12.93
C LYS B 6 -8.53 1.17 12.70
#